data_4L7E
#
_entry.id   4L7E
#
_cell.length_a   65.762
_cell.length_b   68.886
_cell.length_c   106.154
_cell.angle_alpha   90.00
_cell.angle_beta   90.00
_cell.angle_gamma   90.00
#
_symmetry.space_group_name_H-M   'P 21 21 21'
#
loop_
_entity.id
_entity.type
_entity.pdbx_description
1 polymer 'HD domain-containing protein 2'
2 non-polymer 'CHLORIDE ION'
3 non-polymer DI(HYDROXYETHYL)ETHER
4 non-polymer 'UNKNOWN LIGAND'
5 water water
#
_entity_poly.entity_id   1
_entity_poly.type   'polypeptide(L)'
_entity_poly.pdbx_seq_one_letter_code
;(MSE)ASVSSATF(SEP)GHGARSLLQFLRLVGQLKRVPRTGWVYRNVQRPESVSDH(MSE)YR(MSE)AV(MSE)A
(MSE)VIKDDRLNKDRCVRLALVHA(MSE)AECIVGDIAPADNIPKEEKHRREEEA(MSE)KQITQLLPEDLRKELYELW
EEYETQSSAEAKFVKQLDQCE(MSE)ILQASEYEDLEHKPGRLQDFYDSTAGKFNHPEIVQLVSELEAERSTNIAAAASE
PHS
;
_entity_poly.pdbx_strand_id   A,B
#
loop_
_chem_comp.id
_chem_comp.type
_chem_comp.name
_chem_comp.formula
CL non-polymer 'CHLORIDE ION' 'Cl -1'
PEG non-polymer DI(HYDROXYETHYL)ETHER 'C4 H10 O3'
UNL non-polymer 'UNKNOWN LIGAND' ?
#
# COMPACT_ATOMS: atom_id res chain seq x y z
N HIS A 12 -17.58 -4.44 20.70
CA HIS A 12 -18.02 -3.25 19.98
C HIS A 12 -17.74 -1.98 20.80
N GLY A 13 -16.73 -1.21 20.39
CA GLY A 13 -15.72 -1.67 19.45
C GLY A 13 -15.83 -1.22 18.01
N ALA A 14 -16.93 -1.58 17.34
CA ALA A 14 -17.05 -1.42 15.89
C ALA A 14 -17.03 0.04 15.43
N ARG A 15 -17.71 0.92 16.17
CA ARG A 15 -17.78 2.33 15.76
C ARG A 15 -16.39 2.98 15.78
N SER A 16 -15.64 2.73 16.85
CA SER A 16 -14.28 3.22 16.97
C SER A 16 -13.38 2.63 15.90
N LEU A 17 -13.49 1.32 15.69
CA LEU A 17 -12.66 0.67 14.66
C LEU A 17 -12.90 1.33 13.30
N LEU A 18 -14.17 1.54 12.97
CA LEU A 18 -14.54 2.18 11.73
C LEU A 18 -13.94 3.58 11.61
N GLN A 19 -13.97 4.33 12.70
CA GLN A 19 -13.41 5.68 12.72
C GLN A 19 -11.90 5.61 12.50
N PHE A 20 -11.26 4.63 13.12
CA PHE A 20 -9.83 4.39 12.88
C PHE A 20 -9.60 4.13 11.39
N LEU A 21 -10.38 3.22 10.82
CA LEU A 21 -10.25 2.92 9.41
C LEU A 21 -10.49 4.11 8.47
N ARG A 22 -11.44 4.97 8.79
CA ARG A 22 -11.65 6.19 7.99
C ARG A 22 -10.47 7.15 8.07
N LEU A 23 -9.85 7.24 9.24
CA LEU A 23 -8.65 8.07 9.38
C LEU A 23 -7.53 7.52 8.50
N VAL A 24 -7.22 6.24 8.66
CA VAL A 24 -6.25 5.58 7.82
C VAL A 24 -6.55 5.83 6.34
N GLY A 25 -7.81 5.69 5.95
CA GLY A 25 -8.25 5.92 4.59
C GLY A 25 -7.88 7.31 4.05
N GLN A 26 -7.83 8.30 4.92
CA GLN A 26 -7.40 9.64 4.50
C GLN A 26 -6.00 9.64 3.87
N LEU A 27 -5.16 8.69 4.25
CA LEU A 27 -3.84 8.53 3.63
C LEU A 27 -3.94 8.38 2.10
N LYS A 28 -5.05 7.82 1.63
CA LYS A 28 -5.27 7.70 0.19
C LYS A 28 -5.39 9.08 -0.48
N ARG A 29 -5.73 10.09 0.31
CA ARG A 29 -6.06 11.40 -0.24
C ARG A 29 -5.02 12.45 0.14
N VAL A 30 -3.92 11.98 0.70
CA VAL A 30 -2.77 12.85 0.95
C VAL A 30 -1.74 12.64 -0.16
N PRO A 31 -1.65 13.61 -1.08
CA PRO A 31 -0.64 13.53 -2.13
C PRO A 31 0.73 13.68 -1.46
N ARG A 32 1.75 13.01 -1.99
CA ARG A 32 3.09 13.23 -1.48
C ARG A 32 3.60 14.60 -1.91
N THR A 33 3.90 15.42 -0.91
CA THR A 33 4.06 16.84 -1.10
C THR A 33 5.20 17.23 -2.03
N GLY A 34 6.30 16.48 -1.95
CA GLY A 34 7.47 16.75 -2.77
C GLY A 34 7.16 16.66 -4.25
N TRP A 35 6.30 15.73 -4.65
CA TRP A 35 5.88 15.66 -6.05
C TRP A 35 4.97 16.83 -6.42
N VAL A 36 4.05 17.18 -5.53
CA VAL A 36 3.14 18.30 -5.79
C VAL A 36 3.95 19.58 -6.03
N TYR A 37 4.93 19.82 -5.16
CA TYR A 37 5.75 21.04 -5.24
C TYR A 37 6.59 21.09 -6.52
N ARG A 38 6.78 19.93 -7.15
CA ARG A 38 7.53 19.84 -8.41
C ARG A 38 6.62 19.64 -9.63
N ASN A 39 5.34 20.01 -9.48
CA ASN A 39 4.40 19.99 -10.61
C ASN A 39 4.20 18.61 -11.23
N VAL A 40 4.30 17.56 -10.44
CA VAL A 40 4.01 16.24 -10.96
C VAL A 40 2.49 16.11 -11.15
N GLN A 41 2.10 15.60 -12.31
CA GLN A 41 0.68 15.37 -12.60
C GLN A 41 0.23 14.08 -11.93
N ARG A 42 -0.93 14.10 -11.29
CA ARG A 42 -1.43 12.92 -10.58
C ARG A 42 -0.37 12.28 -9.69
N PRO A 43 0.12 13.01 -8.68
CA PRO A 43 1.15 12.40 -7.83
C PRO A 43 0.61 11.27 -6.94
N GLU A 44 1.46 10.32 -6.60
CA GLU A 44 1.11 9.26 -5.65
C GLU A 44 0.61 9.77 -4.29
N SER A 45 -0.14 8.91 -3.60
CA SER A 45 -0.59 9.16 -2.25
C SER A 45 0.47 8.62 -1.27
N VAL A 46 0.33 8.95 0.00
CA VAL A 46 1.22 8.43 1.04
C VAL A 46 1.01 6.91 1.21
N SER A 47 -0.23 6.44 1.08
CA SER A 47 -0.48 5.00 1.12
C SER A 47 0.15 4.26 -0.08
N ASP A 48 0.21 4.89 -1.25
CA ASP A 48 0.93 4.30 -2.40
C ASP A 48 2.39 4.05 -2.02
N HIS A 49 3.01 5.05 -1.38
CA HIS A 49 4.41 5.06 -0.99
C HIS A 49 4.67 3.94 0.02
N MSE A 50 3.85 3.87 1.07
CA MSE A 50 3.98 2.80 2.05
C MSE A 50 3.73 1.42 1.47
O MSE A 50 4.39 0.46 1.88
CB MSE A 50 3.07 3.04 3.26
CG MSE A 50 3.56 4.16 4.16
SE MSE A 50 2.62 4.16 5.88
CE MSE A 50 1.06 5.22 5.36
N TYR A 51 2.80 1.31 0.52
CA TYR A 51 2.56 0.02 -0.11
C TYR A 51 3.84 -0.56 -0.70
N ARG A 52 4.50 0.20 -1.58
CA ARG A 52 5.69 -0.33 -2.24
C ARG A 52 6.84 -0.54 -1.25
N MSE A 53 6.97 0.34 -0.26
CA MSE A 53 7.95 0.12 0.80
C MSE A 53 7.73 -1.23 1.48
O MSE A 53 8.69 -1.95 1.77
CB MSE A 53 7.87 1.21 1.88
CG MSE A 53 8.38 2.57 1.43
SE MSE A 53 8.21 3.88 2.88
CE MSE A 53 9.11 2.92 4.34
N ALA A 54 6.48 -1.57 1.72
CA ALA A 54 6.15 -2.84 2.36
C ALA A 54 6.52 -4.01 1.45
N VAL A 55 6.24 -3.89 0.15
CA VAL A 55 6.67 -4.92 -0.79
C VAL A 55 8.22 -5.06 -0.78
N MSE A 56 8.91 -3.92 -0.76
CA MSE A 56 10.36 -3.90 -0.71
C MSE A 56 10.90 -4.65 0.51
O MSE A 56 11.84 -5.42 0.39
CB MSE A 56 10.90 -2.47 -0.73
CG MSE A 56 10.77 -1.84 -2.11
SE MSE A 56 11.11 0.08 -2.09
CE MSE A 56 13.07 0.13 -2.18
N ALA A 57 10.30 -4.44 1.68
CA ALA A 57 10.70 -5.18 2.88
C ALA A 57 10.59 -6.68 2.65
N MSE A 58 9.65 -7.10 1.82
CA MSE A 58 9.49 -8.53 1.55
C MSE A 58 10.53 -9.09 0.59
O MSE A 58 10.92 -10.23 0.72
CB MSE A 58 8.08 -8.83 0.99
CG MSE A 58 6.95 -8.38 1.89
SE MSE A 58 5.18 -8.82 1.16
CE MSE A 58 5.50 -10.70 0.72
N VAL A 59 11.00 -8.29 -0.37
CA VAL A 59 11.83 -8.85 -1.44
C VAL A 59 13.29 -8.41 -1.41
N ILE A 60 13.66 -7.57 -0.46
CA ILE A 60 15.06 -7.15 -0.32
C ILE A 60 15.67 -7.89 0.86
N LYS A 61 16.68 -8.71 0.56
CA LYS A 61 17.17 -9.74 1.49
C LYS A 61 17.97 -9.21 2.68
N ASP A 62 17.69 -9.80 3.85
CA ASP A 62 18.53 -9.63 5.05
C ASP A 62 18.07 -10.62 6.13
N ASP A 63 18.86 -11.68 6.34
CA ASP A 63 18.48 -12.75 7.26
C ASP A 63 18.71 -12.35 8.72
N ARG A 64 19.38 -11.23 8.91
CA ARG A 64 19.56 -10.67 10.25
C ARG A 64 18.34 -9.89 10.73
N LEU A 65 17.37 -9.65 9.85
CA LEU A 65 16.21 -8.80 10.18
C LEU A 65 14.91 -9.58 10.32
N ASN A 66 14.04 -9.11 11.20
CA ASN A 66 12.68 -9.61 11.27
C ASN A 66 11.87 -8.91 10.17
N LYS A 67 11.64 -9.61 9.07
CA LYS A 67 11.02 -8.98 7.90
C LYS A 67 9.57 -8.60 8.12
N ASP A 68 8.85 -9.37 8.94
CA ASP A 68 7.45 -9.06 9.15
C ASP A 68 7.32 -7.79 9.99
N ARG A 69 8.34 -7.55 10.81
CA ARG A 69 8.40 -6.35 11.60
C ARG A 69 8.73 -5.17 10.69
N CYS A 70 9.62 -5.40 9.73
CA CYS A 70 9.90 -4.38 8.70
C CYS A 70 8.66 -4.02 7.89
N VAL A 71 7.90 -5.04 7.49
CA VAL A 71 6.65 -4.82 6.77
C VAL A 71 5.70 -3.96 7.61
N ARG A 72 5.57 -4.28 8.90
CA ARG A 72 4.70 -3.51 9.78
C ARG A 72 5.18 -2.07 10.00
N LEU A 73 6.49 -1.90 10.19
CA LEU A 73 7.07 -0.58 10.29
C LEU A 73 6.77 0.24 9.02
N ALA A 74 6.88 -0.41 7.86
CA ALA A 74 6.61 0.26 6.59
C ALA A 74 5.17 0.79 6.50
N LEU A 75 4.22 0.00 7.00
CA LEU A 75 2.80 0.31 6.90
C LEU A 75 2.34 1.31 7.95
N VAL A 76 3.19 1.55 8.95
CA VAL A 76 2.79 2.37 10.09
C VAL A 76 3.57 3.68 10.18
N HIS A 77 4.77 3.72 9.59
CA HIS A 77 5.70 4.81 9.89
C HIS A 77 5.17 6.20 9.48
N ALA A 78 4.41 6.25 8.39
CA ALA A 78 3.87 7.51 7.87
C ALA A 78 2.38 7.71 8.21
N MSE A 79 1.84 6.85 9.08
CA MSE A 79 0.41 6.87 9.39
C MSE A 79 -0.13 8.17 10.03
O MSE A 79 -1.29 8.53 9.83
CB MSE A 79 0.08 5.66 10.26
CG MSE A 79 -1.40 5.40 10.45
SE MSE A 79 -1.65 3.75 11.49
CE MSE A 79 -1.27 2.41 10.12
N ALA A 80 0.71 8.89 10.79
CA ALA A 80 0.26 10.16 11.39
C ALA A 80 -0.17 11.19 10.36
N GLU A 81 0.31 11.02 9.13
CA GLU A 81 0.06 12.00 8.09
C GLU A 81 -1.41 12.12 7.69
N CYS A 82 -2.24 11.17 8.14
CA CYS A 82 -3.66 11.24 7.87
C CYS A 82 -4.27 12.40 8.67
N ILE A 83 -3.57 12.84 9.72
CA ILE A 83 -4.00 14.02 10.46
C ILE A 83 -3.14 15.25 10.12
N VAL A 84 -1.82 15.10 10.12
CA VAL A 84 -0.95 16.25 10.03
C VAL A 84 -0.63 16.61 8.57
N GLY A 85 -0.95 15.71 7.66
CA GLY A 85 -0.59 15.88 6.27
C GLY A 85 0.85 15.47 6.01
N ASP A 86 1.27 15.61 4.75
CA ASP A 86 2.63 15.26 4.37
C ASP A 86 3.49 16.53 4.40
N ILE A 87 4.34 16.64 5.41
CA ILE A 87 5.24 17.77 5.53
C ILE A 87 6.52 17.53 4.74
N ALA A 88 6.83 18.42 3.80
CA ALA A 88 8.04 18.33 2.99
C ALA A 88 9.16 19.23 3.55
N PRO A 89 10.42 19.01 3.13
CA PRO A 89 11.50 19.90 3.60
C PRO A 89 11.22 21.38 3.27
N ALA A 90 10.67 21.61 2.07
CA ALA A 90 10.27 22.95 1.63
C ALA A 90 9.33 23.64 2.62
N ASP A 91 8.60 22.85 3.40
CA ASP A 91 7.65 23.42 4.36
C ASP A 91 8.34 24.08 5.56
N ASN A 92 9.63 23.80 5.75
CA ASN A 92 10.42 24.41 6.83
C ASN A 92 9.86 24.25 8.24
N ILE A 93 9.33 23.06 8.53
CA ILE A 93 8.86 22.74 9.87
C ILE A 93 10.03 22.18 10.66
N PRO A 94 10.33 22.76 11.84
CA PRO A 94 11.38 22.19 12.68
C PRO A 94 11.13 20.72 13.02
N LYS A 95 12.21 19.94 13.09
CA LYS A 95 12.14 18.50 13.40
C LYS A 95 11.32 18.19 14.67
N GLU A 96 11.52 18.97 15.73
CA GLU A 96 10.79 18.77 16.98
C GLU A 96 9.30 19.03 16.80
N GLU A 97 8.98 20.05 16.01
CA GLU A 97 7.59 20.43 15.82
C GLU A 97 6.82 19.37 15.02
N LYS A 98 7.44 18.86 13.97
CA LYS A 98 6.87 17.77 13.18
C LYS A 98 6.69 16.53 14.07
N HIS A 99 7.72 16.24 14.87
CA HIS A 99 7.66 15.12 15.80
C HIS A 99 6.49 15.29 16.77
N ARG A 100 6.40 16.48 17.36
CA ARG A 100 5.31 16.83 18.27
C ARG A 100 3.94 16.62 17.64
N ARG A 101 3.75 17.15 16.43
CA ARG A 101 2.47 17.00 15.72
C ARG A 101 2.13 15.55 15.40
N GLU A 102 3.08 14.78 14.90
CA GLU A 102 2.82 13.40 14.52
C GLU A 102 2.56 12.52 15.74
N GLU A 103 3.25 12.82 16.84
CA GLU A 103 3.06 12.10 18.08
C GLU A 103 1.64 12.31 18.63
N GLU A 104 1.17 13.55 18.63
CA GLU A 104 -0.20 13.84 19.07
C GLU A 104 -1.19 13.08 18.21
N ALA A 105 -0.94 13.08 16.91
CA ALA A 105 -1.82 12.43 15.96
C ALA A 105 -1.89 10.92 16.18
N MSE A 106 -0.74 10.30 16.44
CA MSE A 106 -0.71 8.85 16.66
C MSE A 106 -1.45 8.48 17.96
O MSE A 106 -2.12 7.44 18.04
CB MSE A 106 0.74 8.35 16.73
CG MSE A 106 1.40 8.17 15.37
SE MSE A 106 0.35 7.04 14.15
CE MSE A 106 0.47 5.30 15.02
N LYS A 107 -1.30 9.32 18.97
CA LYS A 107 -2.04 9.12 20.20
C LYS A 107 -3.54 9.15 19.92
N GLN A 108 -3.98 10.11 19.11
CA GLN A 108 -5.41 10.24 18.81
C GLN A 108 -5.90 9.06 17.99
N ILE A 109 -5.07 8.64 17.05
CA ILE A 109 -5.41 7.55 16.13
C ILE A 109 -5.50 6.23 16.88
N THR A 110 -4.46 5.92 17.64
CA THR A 110 -4.35 4.63 18.28
C THR A 110 -5.33 4.46 19.44
N GLN A 111 -5.80 5.56 20.02
CA GLN A 111 -6.70 5.45 21.15
C GLN A 111 -8.07 4.94 20.72
N LEU A 112 -8.28 4.84 19.41
CA LEU A 112 -9.53 4.30 18.87
C LEU A 112 -9.51 2.78 18.83
N LEU A 113 -8.36 2.19 19.14
CA LEU A 113 -8.16 0.75 19.10
C LEU A 113 -8.18 0.15 20.51
N PRO A 114 -8.42 -1.15 20.62
CA PRO A 114 -8.25 -1.79 21.94
C PRO A 114 -6.82 -1.63 22.44
N GLU A 115 -6.69 -1.66 23.76
CA GLU A 115 -5.45 -1.35 24.47
C GLU A 115 -4.22 -2.11 23.98
N ASP A 116 -4.36 -3.42 23.77
CA ASP A 116 -3.23 -4.18 23.23
C ASP A 116 -2.81 -3.65 21.85
N LEU A 117 -3.78 -3.40 20.98
CA LEU A 117 -3.45 -2.90 19.64
C LEU A 117 -3.00 -1.45 19.67
N ARG A 118 -3.60 -0.65 20.56
CA ARG A 118 -3.20 0.74 20.71
C ARG A 118 -1.74 0.81 21.08
N LYS A 119 -1.34 0.00 22.06
CA LYS A 119 0.04 0.02 22.51
C LYS A 119 0.97 -0.54 21.44
N GLU A 120 0.57 -1.65 20.80
CA GLU A 120 1.41 -2.24 19.76
C GLU A 120 1.68 -1.24 18.65
N LEU A 121 0.62 -0.60 18.17
CA LEU A 121 0.72 0.29 17.03
C LEU A 121 1.52 1.54 17.35
N TYR A 122 1.32 2.09 18.54
CA TYR A 122 2.05 3.29 18.91
C TYR A 122 3.55 2.97 19.03
N GLU A 123 3.85 1.83 19.63
CA GLU A 123 5.23 1.41 19.81
C GLU A 123 5.93 1.12 18.48
N LEU A 124 5.19 0.60 17.51
CA LEU A 124 5.73 0.47 16.17
C LEU A 124 6.14 1.83 15.63
N TRP A 125 5.23 2.79 15.70
CA TRP A 125 5.49 4.12 15.16
C TRP A 125 6.64 4.77 15.91
N GLU A 126 6.69 4.60 17.22
CA GLU A 126 7.73 5.21 18.02
C GLU A 126 9.10 4.60 17.71
N GLU A 127 9.11 3.28 17.46
CA GLU A 127 10.34 2.60 17.07
C GLU A 127 10.89 3.14 15.75
N TYR A 128 10.01 3.44 14.79
CA TYR A 128 10.49 4.07 13.56
C TYR A 128 10.98 5.49 13.83
N GLU A 129 10.14 6.25 14.53
CA GLU A 129 10.41 7.64 14.88
C GLU A 129 11.75 7.84 15.55
N THR A 130 12.13 6.92 16.45
CA THR A 130 13.35 7.07 17.21
C THR A 130 14.49 6.27 16.60
N GLN A 131 14.17 5.55 15.52
CA GLN A 131 15.15 4.74 14.81
C GLN A 131 15.91 3.81 15.77
N SER A 132 15.14 3.08 16.57
CA SER A 132 15.71 2.38 17.72
C SER A 132 15.97 0.90 17.48
N SER A 133 15.81 0.45 16.24
CA SER A 133 16.13 -0.93 15.88
C SER A 133 16.82 -1.01 14.52
N ALA A 134 17.51 -2.12 14.26
CA ALA A 134 18.08 -2.39 12.95
C ALA A 134 16.97 -2.35 11.89
N GLU A 135 15.81 -2.90 12.23
CA GLU A 135 14.64 -2.87 11.35
C GLU A 135 14.19 -1.46 10.97
N ALA A 136 14.11 -0.57 11.96
CA ALA A 136 13.68 0.80 11.68
C ALA A 136 14.67 1.50 10.76
N LYS A 137 15.97 1.26 10.98
CA LYS A 137 17.02 1.84 10.15
C LYS A 137 16.95 1.32 8.72
N PHE A 138 16.67 0.03 8.57
CA PHE A 138 16.44 -0.58 7.27
C PHE A 138 15.25 0.05 6.55
N VAL A 139 14.14 0.15 7.25
CA VAL A 139 12.93 0.74 6.68
C VAL A 139 13.14 2.21 6.28
N LYS A 140 13.94 2.94 7.03
CA LYS A 140 14.27 4.33 6.67
C LYS A 140 15.02 4.41 5.33
N GLN A 141 15.85 3.40 5.06
CA GLN A 141 16.52 3.34 3.76
C GLN A 141 15.61 2.83 2.62
N LEU A 142 14.64 1.98 2.91
CA LEU A 142 13.62 1.66 1.92
C LEU A 142 12.86 2.91 1.51
N ASP A 143 12.52 3.74 2.50
CA ASP A 143 11.77 4.97 2.26
C ASP A 143 12.49 5.86 1.24
N GLN A 144 13.77 6.08 1.46
CA GLN A 144 14.57 6.94 0.60
C GLN A 144 14.77 6.30 -0.76
N CYS A 145 14.99 4.99 -0.78
CA CYS A 145 15.17 4.26 -2.02
C CYS A 145 13.87 4.24 -2.84
N GLU A 146 12.74 3.99 -2.18
CA GLU A 146 11.45 3.95 -2.86
C GLU A 146 11.19 5.32 -3.50
N MSE A 147 11.59 6.36 -2.79
CA MSE A 147 11.33 7.70 -3.27
C MSE A 147 12.14 8.12 -4.50
O MSE A 147 11.59 8.70 -5.44
CB MSE A 147 11.51 8.69 -2.13
CG MSE A 147 11.11 10.07 -2.58
SE MSE A 147 12.70 11.11 -2.81
CE MSE A 147 12.80 11.59 -0.91
N ILE A 148 13.44 7.82 -4.53
CA ILE A 148 14.22 8.14 -5.74
C ILE A 148 13.89 7.24 -6.95
N LEU A 149 13.47 6.01 -6.68
CA LEU A 149 12.92 5.17 -7.74
C LEU A 149 11.68 5.86 -8.32
N GLN A 150 10.82 6.34 -7.44
CA GLN A 150 9.60 7.05 -7.87
C GLN A 150 9.93 8.33 -8.64
N ALA A 151 10.97 9.04 -8.23
CA ALA A 151 11.41 10.23 -8.98
C ALA A 151 11.80 9.87 -10.41
N SER A 152 12.53 8.78 -10.58
CA SER A 152 13.01 8.43 -11.92
C SER A 152 11.85 7.92 -12.76
N GLU A 153 10.88 7.29 -12.10
CA GLU A 153 9.66 6.89 -12.79
C GLU A 153 8.88 8.10 -13.29
N TYR A 154 8.76 9.15 -12.47
CA TYR A 154 8.09 10.36 -12.94
C TYR A 154 8.86 11.03 -14.08
N GLU A 155 10.19 11.05 -13.97
CA GLU A 155 11.03 11.54 -15.05
C GLU A 155 10.76 10.77 -16.35
N ASP A 156 10.71 9.44 -16.26
CA ASP A 156 10.47 8.63 -17.44
C ASP A 156 9.08 8.89 -18.03
N LEU A 157 8.05 8.91 -17.18
CA LEU A 157 6.69 9.17 -17.64
C LEU A 157 6.53 10.55 -18.31
N GLU A 158 7.26 11.53 -17.80
CA GLU A 158 7.18 12.90 -18.32
C GLU A 158 8.00 13.09 -19.58
N HIS A 159 8.82 12.10 -19.89
CA HIS A 159 9.87 12.24 -20.91
C HIS A 159 10.76 13.44 -20.60
N LYS A 160 11.06 13.63 -19.32
CA LYS A 160 11.92 14.73 -18.89
C LYS A 160 13.05 14.24 -18.00
N PRO A 161 14.06 13.61 -18.61
CA PRO A 161 15.12 12.96 -17.84
C PRO A 161 15.92 13.95 -17.02
N GLY A 162 16.27 13.57 -15.79
CA GLY A 162 17.04 14.42 -14.90
C GLY A 162 16.27 15.54 -14.21
N ARG A 163 14.99 15.73 -14.57
CA ARG A 163 14.24 16.87 -14.04
C ARG A 163 14.16 16.85 -12.52
N LEU A 164 14.04 15.67 -11.92
CA LEU A 164 13.91 15.58 -10.48
C LEU A 164 15.23 15.28 -9.75
N GLN A 165 16.33 15.80 -10.28
CA GLN A 165 17.67 15.63 -9.72
C GLN A 165 17.81 16.04 -8.25
N ASP A 166 17.10 17.09 -7.83
CA ASP A 166 17.17 17.55 -6.45
C ASP A 166 16.90 16.41 -5.45
N PHE A 167 15.97 15.53 -5.79
CA PHE A 167 15.66 14.40 -4.91
C PHE A 167 16.84 13.44 -4.74
N TYR A 168 17.55 13.17 -5.84
CA TYR A 168 18.74 12.33 -5.76
C TYR A 168 19.85 13.02 -4.96
N ASP A 169 20.07 14.30 -5.23
CA ASP A 169 21.05 15.06 -4.46
C ASP A 169 20.73 15.02 -2.97
N SER A 170 19.45 15.03 -2.64
CA SER A 170 19.04 15.04 -1.23
C SER A 170 19.37 13.73 -0.53
N THR A 171 19.60 12.65 -1.28
CA THR A 171 19.84 11.35 -0.67
C THR A 171 21.32 10.93 -0.69
N ALA A 172 22.19 11.81 -1.16
CA ALA A 172 23.62 11.50 -1.24
C ALA A 172 24.19 11.13 0.12
N GLY A 173 24.70 9.91 0.23
CA GLY A 173 25.33 9.44 1.45
C GLY A 173 24.39 8.93 2.53
N LYS A 174 23.13 8.72 2.19
CA LYS A 174 22.16 8.24 3.18
C LYS A 174 21.98 6.73 3.13
N PHE A 175 22.72 6.07 2.24
CA PHE A 175 22.56 4.63 2.07
C PHE A 175 23.79 3.87 2.55
N ASN A 176 23.57 2.78 3.29
CA ASN A 176 24.67 1.90 3.68
C ASN A 176 24.28 0.43 3.75
N HIS A 177 22.98 0.13 3.79
CA HIS A 177 22.60 -1.27 3.71
C HIS A 177 23.03 -1.87 2.38
N PRO A 178 23.76 -3.00 2.43
CA PRO A 178 24.40 -3.62 1.27
C PRO A 178 23.46 -3.91 0.10
N GLU A 179 22.28 -4.45 0.37
CA GLU A 179 21.35 -4.74 -0.71
C GLU A 179 20.76 -3.46 -1.29
N ILE A 180 20.44 -2.51 -0.42
CA ILE A 180 19.83 -1.29 -0.89
C ILE A 180 20.86 -0.48 -1.67
N VAL A 181 22.09 -0.47 -1.19
CA VAL A 181 23.18 0.18 -1.92
C VAL A 181 23.33 -0.39 -3.35
N GLN A 182 23.32 -1.72 -3.48
CA GLN A 182 23.40 -2.34 -4.80
C GLN A 182 22.25 -1.86 -5.68
N LEU A 183 21.06 -1.80 -5.10
CA LEU A 183 19.87 -1.44 -5.83
C LEU A 183 19.95 0.02 -6.29
N VAL A 184 20.40 0.87 -5.37
CA VAL A 184 20.50 2.30 -5.67
C VAL A 184 21.58 2.57 -6.72
N SER A 185 22.67 1.81 -6.68
CA SER A 185 23.73 1.98 -7.68
C SER A 185 23.21 1.62 -9.07
N GLU A 186 22.56 0.46 -9.16
CA GLU A 186 21.91 0.00 -10.38
C GLU A 186 20.96 1.06 -10.95
N LEU A 187 20.12 1.63 -10.10
CA LEU A 187 19.17 2.67 -10.51
C LEU A 187 19.86 3.94 -11.02
N GLU A 188 20.90 4.39 -10.32
CA GLU A 188 21.57 5.61 -10.71
C GLU A 188 22.34 5.43 -12.01
N ALA A 189 22.91 4.24 -12.21
CA ALA A 189 23.59 3.95 -13.47
C ALA A 189 22.61 3.89 -14.65
N GLU A 190 21.43 3.32 -14.44
CA GLU A 190 20.44 3.25 -15.52
C GLU A 190 19.95 4.66 -15.80
N ARG A 191 19.65 5.40 -14.76
CA ARG A 191 19.14 6.75 -14.92
C ARG A 191 20.17 7.66 -15.59
N SER A 192 21.41 7.59 -15.12
N SER A 192 21.42 7.60 -15.13
CA SER A 192 22.48 8.42 -15.68
CA SER A 192 22.46 8.46 -15.71
C SER A 192 22.70 8.11 -17.15
C SER A 192 22.74 8.11 -17.16
N THR A 193 22.64 6.83 -17.51
CA THR A 193 22.76 6.42 -18.89
C THR A 193 21.62 7.01 -19.70
N ASN A 194 20.42 6.99 -19.15
CA ASN A 194 19.28 7.57 -19.85
C ASN A 194 19.45 9.07 -20.04
N ILE A 195 19.98 9.72 -19.01
CA ILE A 195 20.16 11.16 -19.07
C ILE A 195 21.27 11.50 -20.07
N ALA A 196 22.37 10.77 -20.00
CA ALA A 196 23.46 10.94 -20.96
C ALA A 196 22.96 10.76 -22.39
N ALA A 197 22.10 9.77 -22.60
CA ALA A 197 21.55 9.51 -23.93
C ALA A 197 20.70 10.66 -24.48
N ALA A 198 19.68 11.07 -23.72
CA ALA A 198 18.72 12.10 -24.16
C ALA A 198 19.34 13.37 -24.76
N ALA B 7 10.05 -18.63 -20.19
CA ALA B 7 11.43 -19.06 -19.94
C ALA B 7 12.42 -17.98 -20.37
N THR B 8 12.20 -16.75 -19.91
CA THR B 8 12.98 -15.59 -20.38
C THR B 8 14.39 -15.54 -19.78
N PHE B 9 15.18 -14.55 -20.19
CA PHE B 9 16.60 -14.52 -19.86
C PHE B 9 17.06 -13.19 -19.25
N SEP B 10 16.22 -12.65 -18.37
CA SEP B 10 16.44 -11.34 -17.77
CB SEP B 10 15.09 -10.66 -17.42
OG SEP B 10 14.25 -10.50 -18.58
C SEP B 10 17.36 -11.43 -16.53
O SEP B 10 17.81 -10.41 -16.01
P SEP B 10 12.84 -9.69 -18.36
O1P SEP B 10 13.11 -8.19 -17.85
O2P SEP B 10 12.04 -9.63 -19.75
O3P SEP B 10 11.94 -10.52 -17.29
N GLY B 11 17.66 -12.64 -16.08
CA GLY B 11 18.55 -12.82 -14.95
C GLY B 11 17.90 -12.50 -13.61
N HIS B 12 18.63 -12.71 -12.52
CA HIS B 12 18.09 -12.46 -11.19
C HIS B 12 18.99 -11.55 -10.37
N GLY B 13 19.54 -10.53 -11.02
CA GLY B 13 20.36 -9.53 -10.33
C GLY B 13 19.60 -8.27 -9.94
N ALA B 14 20.36 -7.20 -9.70
CA ALA B 14 19.79 -5.93 -9.28
C ALA B 14 18.89 -5.33 -10.36
N ARG B 15 19.30 -5.46 -11.62
CA ARG B 15 18.50 -4.91 -12.70
C ARG B 15 17.09 -5.50 -12.72
N SER B 16 17.00 -6.82 -12.59
CA SER B 16 15.70 -7.47 -12.50
C SER B 16 14.90 -7.12 -11.24
N LEU B 17 15.57 -6.98 -10.11
CA LEU B 17 14.88 -6.62 -8.88
C LEU B 17 14.26 -5.24 -9.04
N LEU B 18 15.03 -4.33 -9.61
CA LEU B 18 14.60 -2.97 -9.86
C LEU B 18 13.38 -2.98 -10.79
N GLN B 19 13.46 -3.77 -11.85
CA GLN B 19 12.35 -3.90 -12.78
C GLN B 19 11.10 -4.53 -12.11
N PHE B 20 11.31 -5.50 -11.22
CA PHE B 20 10.22 -6.02 -10.41
C PHE B 20 9.55 -4.88 -9.65
N LEU B 21 10.38 -4.01 -9.07
CA LEU B 21 9.86 -2.88 -8.29
C LEU B 21 9.10 -1.86 -9.12
N ARG B 22 9.53 -1.66 -10.37
CA ARG B 22 8.81 -0.79 -11.30
C ARG B 22 7.45 -1.37 -11.67
N LEU B 23 7.39 -2.67 -11.92
CA LEU B 23 6.10 -3.29 -12.24
C LEU B 23 5.18 -3.10 -11.05
N VAL B 24 5.71 -3.32 -9.85
CA VAL B 24 4.94 -3.10 -8.62
C VAL B 24 4.43 -1.67 -8.50
N GLY B 25 5.30 -0.69 -8.76
CA GLY B 25 4.89 0.71 -8.77
C GLY B 25 3.78 1.05 -9.77
N GLN B 26 3.61 0.25 -10.82
CA GLN B 26 2.50 0.45 -11.76
C GLN B 26 1.13 0.32 -11.06
N LEU B 27 1.09 -0.39 -9.93
CA LEU B 27 -0.11 -0.48 -9.10
C LEU B 27 -0.61 0.89 -8.64
N LYS B 28 0.31 1.84 -8.44
CA LYS B 28 -0.05 3.20 -8.06
C LYS B 28 -0.82 3.90 -9.16
N ARG B 29 -0.71 3.39 -10.39
CA ARG B 29 -1.28 4.07 -11.54
C ARG B 29 -2.41 3.25 -12.12
N VAL B 30 -2.80 2.20 -11.42
CA VAL B 30 -4.01 1.46 -11.80
C VAL B 30 -5.16 1.92 -10.92
N PRO B 31 -6.04 2.75 -11.47
CA PRO B 31 -7.16 3.18 -10.62
C PRO B 31 -8.13 2.01 -10.47
N ARG B 32 -8.82 1.94 -9.35
CA ARG B 32 -9.78 0.87 -9.19
C ARG B 32 -10.98 1.11 -10.11
N THR B 33 -11.21 0.14 -10.98
CA THR B 33 -12.12 0.29 -12.11
C THR B 33 -13.58 0.58 -11.74
N GLY B 34 -14.08 -0.09 -10.71
CA GLY B 34 -15.43 0.10 -10.22
C GLY B 34 -15.73 1.56 -9.90
N TRP B 35 -14.78 2.26 -9.30
CA TRP B 35 -14.97 3.69 -9.04
C TRP B 35 -14.93 4.48 -10.35
N VAL B 36 -14.06 4.09 -11.28
CA VAL B 36 -13.96 4.79 -12.55
C VAL B 36 -15.29 4.71 -13.30
N TYR B 37 -15.86 3.52 -13.34
CA TYR B 37 -17.12 3.28 -14.06
C TYR B 37 -18.30 4.00 -13.42
N ARG B 38 -18.13 4.44 -12.17
CA ARG B 38 -19.18 5.17 -11.49
C ARG B 38 -18.85 6.64 -11.37
N ASN B 39 -17.94 7.12 -12.22
CA ASN B 39 -17.64 8.56 -12.30
C ASN B 39 -17.14 9.18 -10.98
N VAL B 40 -16.46 8.39 -10.16
CA VAL B 40 -15.84 8.94 -8.96
C VAL B 40 -14.67 9.83 -9.38
N GLN B 41 -14.64 11.06 -8.88
CA GLN B 41 -13.51 11.95 -9.11
C GLN B 41 -12.30 11.47 -8.31
N ARG B 42 -11.12 11.46 -8.93
CA ARG B 42 -9.90 11.03 -8.24
C ARG B 42 -10.05 9.68 -7.54
N PRO B 43 -10.23 8.60 -8.31
CA PRO B 43 -10.43 7.31 -7.64
C PRO B 43 -9.12 6.76 -7.08
N GLU B 44 -9.21 5.95 -6.03
CA GLU B 44 -8.05 5.30 -5.45
C GLU B 44 -7.32 4.37 -6.44
N SER B 45 -6.06 4.09 -6.14
CA SER B 45 -5.26 3.12 -6.88
C SER B 45 -5.44 1.75 -6.25
N VAL B 46 -4.99 0.71 -6.95
CA VAL B 46 -5.01 -0.65 -6.43
C VAL B 46 -4.10 -0.77 -5.20
N SER B 47 -2.96 -0.10 -5.24
CA SER B 47 -2.08 -0.09 -4.07
C SER B 47 -2.68 0.64 -2.86
N ASP B 48 -3.47 1.70 -3.08
CA ASP B 48 -4.27 2.34 -2.01
C ASP B 48 -5.12 1.29 -1.30
N HIS B 49 -5.82 0.49 -2.10
CA HIS B 49 -6.74 -0.53 -1.65
C HIS B 49 -6.03 -1.64 -0.85
N MSE B 50 -4.93 -2.17 -1.38
CA MSE B 50 -4.15 -3.17 -0.63
C MSE B 50 -3.53 -2.59 0.64
O MSE B 50 -3.42 -3.29 1.65
CB MSE B 50 -3.06 -3.79 -1.51
CG MSE B 50 -3.61 -4.69 -2.60
SE MSE B 50 -2.21 -5.81 -3.36
CE MSE B 50 -1.77 -4.67 -4.92
N TYR B 51 -3.10 -1.32 0.60
CA TYR B 51 -2.55 -0.70 1.80
C TYR B 51 -3.53 -0.80 2.97
N ARG B 52 -4.78 -0.37 2.78
CA ARG B 52 -5.72 -0.39 3.91
C ARG B 52 -6.13 -1.81 4.29
N MSE B 53 -6.20 -2.71 3.32
CA MSE B 53 -6.46 -4.13 3.63
C MSE B 53 -5.38 -4.66 4.54
O MSE B 53 -5.67 -5.40 5.50
CB MSE B 53 -6.48 -5.00 2.37
CG MSE B 53 -7.74 -4.86 1.55
SE MSE B 53 -7.58 -5.84 -0.14
CE MSE B 53 -7.32 -7.65 0.57
N ALA B 54 -4.14 -4.27 4.26
CA ALA B 54 -3.02 -4.74 5.07
C ALA B 54 -3.08 -4.22 6.51
N VAL B 55 -3.51 -2.98 6.68
CA VAL B 55 -3.67 -2.44 8.03
C VAL B 55 -4.83 -3.15 8.72
N MSE B 56 -5.90 -3.40 7.97
CA MSE B 56 -7.04 -4.10 8.55
C MSE B 56 -6.65 -5.47 9.04
O MSE B 56 -7.15 -5.91 10.07
CB MSE B 56 -8.19 -4.23 7.53
CG MSE B 56 -8.87 -2.91 7.24
SE MSE B 56 -10.03 -2.97 5.66
CE MSE B 56 -11.54 -4.00 6.40
N ALA B 57 -5.76 -6.15 8.31
CA ALA B 57 -5.28 -7.45 8.76
C ALA B 57 -4.59 -7.34 10.12
N MSE B 58 -3.99 -6.18 10.38
CA MSE B 58 -3.30 -5.95 11.66
C MSE B 58 -4.24 -5.66 12.83
O MSE B 58 -3.92 -5.97 13.98
CB MSE B 58 -2.30 -4.80 11.53
CG MSE B 58 -1.15 -5.09 10.59
SE MSE B 58 -0.05 -3.52 10.23
CE MSE B 58 0.61 -3.17 12.05
N VAL B 59 -5.40 -5.06 12.56
CA VAL B 59 -6.25 -4.59 13.66
C VAL B 59 -7.58 -5.32 13.83
N ILE B 60 -7.93 -6.21 12.90
CA ILE B 60 -9.14 -7.00 13.07
C ILE B 60 -8.74 -8.37 13.62
N LYS B 61 -9.16 -8.64 14.85
CA LYS B 61 -8.62 -9.76 15.63
C LYS B 61 -9.13 -11.14 15.21
N ASP B 62 -8.21 -12.11 15.20
CA ASP B 62 -8.56 -13.52 15.13
C ASP B 62 -7.34 -14.33 15.54
N ASP B 63 -7.41 -14.85 16.75
CA ASP B 63 -6.31 -15.59 17.36
C ASP B 63 -5.94 -16.88 16.61
N ARG B 64 -6.84 -17.36 15.76
CA ARG B 64 -6.62 -18.61 15.00
C ARG B 64 -5.85 -18.39 13.71
N LEU B 65 -5.65 -17.13 13.34
CA LEU B 65 -5.04 -16.80 12.07
C LEU B 65 -3.59 -16.36 12.23
N ASN B 66 -2.72 -16.75 11.31
CA ASN B 66 -1.40 -16.13 11.20
C ASN B 66 -1.57 -14.77 10.51
N LYS B 67 -1.47 -13.70 11.29
CA LYS B 67 -1.67 -12.34 10.78
C LYS B 67 -0.51 -11.84 9.93
N ASP B 68 0.71 -12.29 10.19
CA ASP B 68 1.83 -11.92 9.31
C ASP B 68 1.54 -12.42 7.90
N ARG B 69 0.98 -13.62 7.81
CA ARG B 69 0.65 -14.19 6.52
C ARG B 69 -0.52 -13.43 5.90
N CYS B 70 -1.47 -13.02 6.73
CA CYS B 70 -2.63 -12.26 6.22
C CYS B 70 -2.19 -10.94 5.58
N VAL B 71 -1.29 -10.24 6.25
CA VAL B 71 -0.74 -8.99 5.71
C VAL B 71 -0.04 -9.23 4.35
N ARG B 72 0.78 -10.27 4.28
CA ARG B 72 1.44 -10.64 3.03
C ARG B 72 0.43 -11.03 1.94
N LEU B 73 -0.60 -11.78 2.30
CA LEU B 73 -1.63 -12.10 1.31
C LEU B 73 -2.26 -10.82 0.78
N ALA B 74 -2.49 -9.86 1.68
CA ALA B 74 -3.11 -8.59 1.28
C ALA B 74 -2.25 -7.79 0.31
N LEU B 75 -0.93 -7.87 0.48
CA LEU B 75 0.02 -7.07 -0.30
C LEU B 75 0.32 -7.71 -1.64
N VAL B 76 -0.04 -8.98 -1.74
CA VAL B 76 0.28 -9.77 -2.92
C VAL B 76 -0.95 -10.12 -3.78
N HIS B 77 -2.12 -10.20 -3.15
CA HIS B 77 -3.28 -10.79 -3.82
C HIS B 77 -3.66 -10.10 -5.15
N ALA B 78 -3.56 -8.76 -5.21
CA ALA B 78 -3.95 -8.00 -6.40
C ALA B 78 -2.76 -7.61 -7.27
N MSE B 79 -1.59 -8.18 -6.97
CA MSE B 79 -0.35 -7.76 -7.61
C MSE B 79 -0.34 -7.92 -9.14
O MSE B 79 0.31 -7.15 -9.84
CB MSE B 79 0.82 -8.52 -7.01
CG MSE B 79 2.15 -7.86 -7.22
SE MSE B 79 3.56 -8.74 -6.20
CE MSE B 79 3.64 -7.58 -4.61
N ALA B 80 -1.06 -8.93 -9.65
CA ALA B 80 -1.06 -9.18 -11.10
C ALA B 80 -1.68 -8.03 -11.88
N GLU B 81 -2.48 -7.20 -11.20
CA GLU B 81 -3.13 -6.07 -11.86
C GLU B 81 -2.14 -5.05 -12.41
N CYS B 82 -0.88 -5.12 -12.01
CA CYS B 82 0.11 -4.19 -12.55
C CYS B 82 0.33 -4.46 -14.04
N ILE B 83 0.04 -5.67 -14.46
CA ILE B 83 0.15 -6.06 -15.87
C ILE B 83 -1.24 -6.19 -16.50
N VAL B 84 -2.15 -6.90 -15.85
CA VAL B 84 -3.44 -7.18 -16.48
C VAL B 84 -4.44 -6.02 -16.33
N GLY B 85 -4.15 -5.10 -15.43
CA GLY B 85 -5.09 -4.03 -15.13
C GLY B 85 -6.10 -4.53 -14.13
N ASP B 86 -7.01 -3.65 -13.71
CA ASP B 86 -8.04 -4.00 -12.74
C ASP B 86 -9.36 -4.38 -13.45
N ILE B 87 -9.63 -5.67 -13.51
CA ILE B 87 -10.86 -6.16 -14.12
C ILE B 87 -12.06 -6.09 -13.18
N ALA B 88 -13.10 -5.35 -13.57
CA ALA B 88 -14.31 -5.23 -12.77
C ALA B 88 -15.39 -6.15 -13.32
N PRO B 89 -16.39 -6.49 -12.49
CA PRO B 89 -17.49 -7.35 -12.97
C PRO B 89 -18.09 -6.86 -14.28
N ALA B 90 -18.16 -5.53 -14.48
CA ALA B 90 -18.73 -4.95 -15.69
C ALA B 90 -17.96 -5.27 -16.96
N ASP B 91 -16.68 -5.61 -16.83
CA ASP B 91 -15.86 -5.97 -17.99
C ASP B 91 -16.22 -7.35 -18.55
N ASN B 92 -17.03 -8.11 -17.83
CA ASN B 92 -17.50 -9.43 -18.28
C ASN B 92 -16.40 -10.39 -18.72
N ILE B 93 -15.33 -10.46 -17.95
CA ILE B 93 -14.28 -11.45 -18.18
C ILE B 93 -14.64 -12.71 -17.40
N PRO B 94 -14.75 -13.84 -18.09
CA PRO B 94 -15.02 -15.11 -17.38
C PRO B 94 -13.97 -15.38 -16.30
N LYS B 95 -14.41 -15.96 -15.18
CA LYS B 95 -13.53 -16.30 -14.07
C LYS B 95 -12.25 -17.05 -14.51
N GLU B 96 -12.39 -17.99 -15.44
CA GLU B 96 -11.25 -18.78 -15.88
C GLU B 96 -10.28 -17.95 -16.69
N GLU B 97 -10.79 -16.99 -17.45
CA GLU B 97 -9.94 -16.17 -18.30
C GLU B 97 -9.22 -15.12 -17.44
N LYS B 98 -9.88 -14.65 -16.40
CA LYS B 98 -9.26 -13.68 -15.49
C LYS B 98 -8.13 -14.38 -14.75
N HIS B 99 -8.40 -15.60 -14.31
CA HIS B 99 -7.41 -16.43 -13.63
C HIS B 99 -6.19 -16.70 -14.51
N ARG B 100 -6.44 -17.09 -15.75
CA ARG B 100 -5.37 -17.40 -16.70
C ARG B 100 -4.49 -16.17 -16.99
N ARG B 101 -5.10 -15.01 -17.18
CA ARG B 101 -4.34 -13.77 -17.37
C ARG B 101 -3.52 -13.41 -16.15
N GLU B 102 -4.13 -13.52 -14.98
CA GLU B 102 -3.45 -13.09 -13.77
C GLU B 102 -2.35 -14.08 -13.40
N GLU B 103 -2.60 -15.35 -13.67
CA GLU B 103 -1.61 -16.40 -13.46
C GLU B 103 -0.38 -16.17 -14.33
N GLU B 104 -0.59 -15.95 -15.63
CA GLU B 104 0.53 -15.62 -16.53
C GLU B 104 1.30 -14.39 -16.07
N ALA B 105 0.57 -13.39 -15.60
CA ALA B 105 1.17 -12.14 -15.13
C ALA B 105 2.06 -12.39 -13.92
N MSE B 106 1.57 -13.15 -12.95
CA MSE B 106 2.33 -13.49 -11.76
C MSE B 106 3.60 -14.28 -12.10
O MSE B 106 4.63 -14.12 -11.46
CB MSE B 106 1.50 -14.28 -10.75
CG MSE B 106 0.58 -13.41 -9.93
SE MSE B 106 1.48 -11.85 -9.10
CE MSE B 106 2.53 -12.73 -7.72
N LYS B 107 3.51 -15.16 -13.10
CA LYS B 107 4.67 -15.90 -13.55
C LYS B 107 5.72 -14.94 -14.06
N GLN B 108 5.30 -14.01 -14.92
CA GLN B 108 6.21 -13.05 -15.54
C GLN B 108 6.86 -12.16 -14.50
N ILE B 109 6.06 -11.70 -13.55
CA ILE B 109 6.52 -10.80 -12.49
C ILE B 109 7.51 -11.49 -11.53
N THR B 110 7.16 -12.68 -11.06
CA THR B 110 7.99 -13.37 -10.09
C THR B 110 9.27 -13.95 -10.67
N GLN B 111 9.31 -14.15 -11.99
CA GLN B 111 10.53 -14.64 -12.64
C GLN B 111 11.69 -13.66 -12.49
N LEU B 112 11.39 -12.42 -12.09
CA LEU B 112 12.41 -11.41 -11.91
C LEU B 112 13.14 -11.55 -10.57
N LEU B 113 12.60 -12.40 -9.69
CA LEU B 113 13.15 -12.57 -8.35
C LEU B 113 13.97 -13.85 -8.27
N PRO B 114 14.94 -13.89 -7.35
CA PRO B 114 15.66 -15.15 -7.10
C PRO B 114 14.68 -16.26 -6.73
N GLU B 115 15.09 -17.51 -6.87
CA GLU B 115 14.21 -18.67 -6.72
C GLU B 115 13.38 -18.72 -5.43
N ASP B 116 14.02 -18.54 -4.28
CA ASP B 116 13.31 -18.60 -3.00
C ASP B 116 12.25 -17.50 -2.90
N LEU B 117 12.58 -16.30 -3.39
CA LEU B 117 11.60 -15.21 -3.36
C LEU B 117 10.48 -15.44 -4.38
N ARG B 118 10.85 -15.98 -5.54
N ARG B 118 10.84 -15.99 -5.54
CA ARG B 118 9.87 -16.31 -6.57
CA ARG B 118 9.87 -16.30 -6.56
C ARG B 118 8.86 -17.31 -6.02
C ARG B 118 8.86 -17.33 -6.06
N LYS B 119 9.38 -18.38 -5.43
CA LYS B 119 8.53 -19.42 -4.85
C LYS B 119 7.60 -18.88 -3.77
N GLU B 120 8.15 -18.04 -2.88
CA GLU B 120 7.37 -17.48 -1.77
C GLU B 120 6.21 -16.61 -2.24
N LEU B 121 6.49 -15.67 -3.15
CA LEU B 121 5.46 -14.78 -3.66
C LEU B 121 4.41 -15.53 -4.46
N TYR B 122 4.86 -16.43 -5.31
CA TYR B 122 3.94 -17.18 -6.16
C TYR B 122 3.06 -18.04 -5.27
N GLU B 123 3.68 -18.66 -4.26
CA GLU B 123 2.91 -19.46 -3.31
C GLU B 123 1.80 -18.65 -2.65
N LEU B 124 2.14 -17.44 -2.19
CA LEU B 124 1.16 -16.58 -1.56
C LEU B 124 0.02 -16.24 -2.51
N TRP B 125 0.38 -15.95 -3.75
CA TRP B 125 -0.64 -15.63 -4.76
C TRP B 125 -1.54 -16.84 -4.99
N GLU B 126 -0.92 -18.01 -5.10
CA GLU B 126 -1.65 -19.24 -5.32
C GLU B 126 -2.56 -19.56 -4.12
N GLU B 127 -2.07 -19.34 -2.90
CA GLU B 127 -2.89 -19.55 -1.70
C GLU B 127 -4.15 -18.68 -1.75
N TYR B 128 -3.98 -17.43 -2.16
CA TYR B 128 -5.10 -16.52 -2.19
C TYR B 128 -6.07 -16.89 -3.30
N GLU B 129 -5.52 -17.21 -4.47
CA GLU B 129 -6.34 -17.45 -5.66
C GLU B 129 -7.20 -18.69 -5.54
N THR B 130 -6.65 -19.71 -4.88
CA THR B 130 -7.38 -20.94 -4.64
C THR B 130 -8.13 -20.89 -3.30
N GLN B 131 -7.94 -19.82 -2.54
CA GLN B 131 -8.62 -19.65 -1.26
C GLN B 131 -8.43 -20.87 -0.37
N SER B 132 -7.20 -21.35 -0.30
CA SER B 132 -6.93 -22.67 0.29
C SER B 132 -6.70 -22.64 1.79
N SER B 133 -6.62 -21.45 2.37
CA SER B 133 -6.37 -21.34 3.80
C SER B 133 -7.42 -20.47 4.46
N ALA B 134 -7.52 -20.57 5.79
CA ALA B 134 -8.35 -19.68 6.57
C ALA B 134 -7.85 -18.23 6.42
N GLU B 135 -6.53 -18.04 6.37
CA GLU B 135 -5.97 -16.70 6.15
C GLU B 135 -6.41 -16.10 4.81
N ALA B 136 -6.40 -16.91 3.76
CA ALA B 136 -6.84 -16.47 2.44
C ALA B 136 -8.31 -16.00 2.45
N LYS B 137 -9.19 -16.82 3.01
CA LYS B 137 -10.60 -16.51 3.12
C LYS B 137 -10.85 -15.24 3.93
N PHE B 138 -10.09 -15.07 5.02
CA PHE B 138 -10.16 -13.86 5.84
C PHE B 138 -9.82 -12.62 5.00
N VAL B 139 -8.72 -12.69 4.27
CA VAL B 139 -8.27 -11.58 3.43
C VAL B 139 -9.29 -11.26 2.32
N LYS B 140 -9.99 -12.28 1.83
CA LYS B 140 -11.02 -12.04 0.81
C LYS B 140 -12.15 -11.18 1.37
N GLN B 141 -12.51 -11.42 2.62
CA GLN B 141 -13.53 -10.59 3.25
C GLN B 141 -13.04 -9.18 3.59
N LEU B 142 -11.75 -9.03 3.88
CA LEU B 142 -11.17 -7.70 4.08
C LEU B 142 -11.27 -6.89 2.80
N ASP B 143 -10.99 -7.55 1.68
CA ASP B 143 -11.12 -6.97 0.35
C ASP B 143 -12.53 -6.37 0.18
N GLN B 144 -13.54 -7.21 0.35
CA GLN B 144 -14.93 -6.77 0.19
C GLN B 144 -15.33 -5.72 1.22
N CYS B 145 -14.87 -5.88 2.46
CA CYS B 145 -15.18 -4.93 3.52
C CYS B 145 -14.56 -3.55 3.24
N GLU B 146 -13.26 -3.56 2.94
CA GLU B 146 -12.50 -2.34 2.66
C GLU B 146 -13.15 -1.59 1.49
N MSE B 147 -13.71 -2.35 0.55
CA MSE B 147 -14.32 -1.77 -0.62
C MSE B 147 -15.67 -1.05 -0.38
O MSE B 147 -15.90 0.06 -0.89
CB MSE B 147 -14.48 -2.82 -1.70
CG MSE B 147 -14.93 -2.19 -3.00
SE MSE B 147 -16.78 -2.65 -3.32
CE MSE B 147 -16.29 -4.27 -4.32
N ILE B 148 -16.55 -1.65 0.40
CA ILE B 148 -17.81 -0.95 0.74
C ILE B 148 -17.58 0.19 1.73
N LEU B 149 -16.52 0.10 2.54
CA LEU B 149 -16.12 1.22 3.37
C LEU B 149 -15.72 2.41 2.48
N GLN B 150 -14.95 2.13 1.44
CA GLN B 150 -14.52 3.18 0.52
C GLN B 150 -15.68 3.74 -0.29
N ALA B 151 -16.66 2.88 -0.62
CA ALA B 151 -17.87 3.31 -1.30
C ALA B 151 -18.60 4.36 -0.47
N SER B 152 -18.73 4.09 0.82
CA SER B 152 -19.47 4.99 1.68
C SER B 152 -18.68 6.28 1.90
N GLU B 153 -17.36 6.18 1.89
CA GLU B 153 -16.51 7.38 1.95
C GLU B 153 -16.63 8.25 0.69
N TYR B 154 -16.72 7.64 -0.50
CA TYR B 154 -16.91 8.43 -1.71
C TYR B 154 -18.31 9.07 -1.67
N GLU B 155 -19.30 8.32 -1.18
CA GLU B 155 -20.64 8.88 -0.98
C GLU B 155 -20.62 10.11 -0.07
N ASP B 156 -19.91 10.01 1.05
CA ASP B 156 -19.77 11.14 1.97
C ASP B 156 -19.06 12.32 1.32
N LEU B 157 -17.91 12.07 0.69
CA LEU B 157 -17.16 13.12 0.02
C LEU B 157 -18.00 13.82 -1.07
N GLU B 158 -18.83 13.07 -1.78
CA GLU B 158 -19.66 13.64 -2.84
C GLU B 158 -20.90 14.35 -2.29
N HIS B 159 -21.23 14.08 -1.03
CA HIS B 159 -22.50 14.49 -0.44
C HIS B 159 -23.66 13.90 -1.24
N LYS B 160 -23.49 12.64 -1.65
CA LYS B 160 -24.54 11.92 -2.38
C LYS B 160 -24.80 10.58 -1.72
N PRO B 161 -25.46 10.60 -0.55
CA PRO B 161 -25.74 9.38 0.22
C PRO B 161 -26.49 8.34 -0.59
N GLY B 162 -26.06 7.09 -0.51
CA GLY B 162 -26.74 6.01 -1.20
C GLY B 162 -26.31 5.77 -2.64
N ARG B 163 -25.55 6.71 -3.24
CA ARG B 163 -25.29 6.64 -4.68
C ARG B 163 -24.67 5.31 -5.14
N LEU B 164 -23.76 4.80 -4.33
CA LEU B 164 -23.00 3.63 -4.70
C LEU B 164 -23.61 2.34 -4.11
N GLN B 165 -24.93 2.36 -3.95
CA GLN B 165 -25.69 1.24 -3.43
C GLN B 165 -25.36 -0.09 -4.10
N ASP B 166 -25.16 -0.08 -5.42
CA ASP B 166 -24.86 -1.30 -6.17
C ASP B 166 -23.69 -2.10 -5.58
N PHE B 167 -22.69 -1.41 -5.05
CA PHE B 167 -21.55 -2.08 -4.40
C PHE B 167 -21.93 -2.81 -3.12
N TYR B 168 -22.85 -2.25 -2.34
CA TYR B 168 -23.35 -2.93 -1.15
C TYR B 168 -24.14 -4.18 -1.55
N ASP B 169 -25.06 -4.04 -2.52
CA ASP B 169 -25.86 -5.17 -2.97
C ASP B 169 -25.00 -6.34 -3.46
N SER B 170 -23.88 -6.03 -4.10
CA SER B 170 -23.00 -7.05 -4.64
C SER B 170 -22.23 -7.83 -3.54
N THR B 171 -22.22 -7.33 -2.31
CA THR B 171 -21.51 -8.05 -1.25
C THR B 171 -22.46 -8.83 -0.36
N ALA B 172 -23.74 -8.85 -0.73
CA ALA B 172 -24.76 -9.56 0.03
C ALA B 172 -24.36 -11.02 0.30
N GLY B 173 -24.35 -11.40 1.57
CA GLY B 173 -24.02 -12.76 1.96
C GLY B 173 -22.59 -13.20 1.67
N LYS B 174 -21.72 -12.26 1.37
CA LYS B 174 -20.32 -12.61 1.14
C LYS B 174 -19.52 -12.59 2.44
N PHE B 175 -20.16 -12.16 3.53
CA PHE B 175 -19.47 -11.99 4.81
C PHE B 175 -19.90 -13.03 5.82
N ASN B 176 -18.92 -13.69 6.44
CA ASN B 176 -19.22 -14.59 7.56
C ASN B 176 -18.21 -14.60 8.72
N HIS B 177 -17.05 -13.99 8.53
CA HIS B 177 -16.12 -13.86 9.64
C HIS B 177 -16.76 -12.98 10.70
N PRO B 178 -16.84 -13.50 11.94
CA PRO B 178 -17.61 -12.83 12.99
C PRO B 178 -17.18 -11.38 13.28
N GLU B 179 -15.89 -11.08 13.22
CA GLU B 179 -15.43 -9.72 13.45
C GLU B 179 -15.75 -8.79 12.27
N ILE B 180 -15.56 -9.29 11.06
CA ILE B 180 -15.86 -8.48 9.89
C ILE B 180 -17.36 -8.29 9.76
N VAL B 181 -18.12 -9.35 10.03
CA VAL B 181 -19.59 -9.27 10.06
C VAL B 181 -20.07 -8.18 11.00
N GLN B 182 -19.52 -8.15 12.20
CA GLN B 182 -19.80 -7.08 13.14
C GLN B 182 -19.45 -5.69 12.58
N LEU B 183 -18.30 -5.59 11.95
CA LEU B 183 -17.83 -4.31 11.41
C LEU B 183 -18.72 -3.84 10.27
N VAL B 184 -19.15 -4.77 9.42
CA VAL B 184 -20.01 -4.45 8.29
C VAL B 184 -21.37 -3.95 8.75
N SER B 185 -21.92 -4.63 9.75
CA SER B 185 -23.25 -4.29 10.28
C SER B 185 -23.26 -2.89 10.85
N GLU B 186 -22.17 -2.53 11.53
CA GLU B 186 -22.04 -1.20 12.09
C GLU B 186 -21.96 -0.19 10.96
N LEU B 187 -21.21 -0.53 9.91
CA LEU B 187 -21.05 0.36 8.78
C LEU B 187 -22.38 0.62 8.06
N GLU B 188 -23.12 -0.45 7.81
CA GLU B 188 -24.39 -0.33 7.09
C GLU B 188 -25.38 0.47 7.91
N ALA B 189 -25.34 0.32 9.24
CA ALA B 189 -26.25 1.04 10.12
C ALA B 189 -25.92 2.52 10.16
N GLU B 190 -24.63 2.85 10.20
CA GLU B 190 -24.22 4.26 10.18
C GLU B 190 -24.58 4.89 8.83
N ARG B 191 -24.32 4.17 7.74
CA ARG B 191 -24.63 4.66 6.41
C ARG B 191 -26.12 4.79 6.17
N SER B 192 -26.89 3.76 6.55
CA SER B 192 -28.32 3.81 6.34
C SER B 192 -28.98 4.89 7.21
N THR B 193 -28.35 5.26 8.32
CA THR B 193 -28.79 6.40 9.09
C THR B 193 -28.54 7.72 8.35
N ASN B 194 -27.33 7.88 7.82
CA ASN B 194 -27.01 9.08 7.03
C ASN B 194 -27.93 9.27 5.83
N ILE B 195 -28.32 8.17 5.21
CA ILE B 195 -29.23 8.18 4.07
C ILE B 195 -30.62 8.66 4.48
N ALA B 196 -31.11 8.17 5.61
CA ALA B 196 -32.41 8.59 6.12
C ALA B 196 -32.42 10.07 6.48
N ALA B 197 -31.32 10.54 7.09
CA ALA B 197 -31.20 11.95 7.45
C ALA B 197 -31.36 12.86 6.24
N ALA B 198 -30.58 12.58 5.19
CA ALA B 198 -30.62 13.36 3.97
C ALA B 198 -32.00 13.33 3.30
CL CL C . 7.83 8.10 4.21
C1 PEG D . 25.31 6.39 5.75
O1 PEG D . 26.68 6.00 5.91
C2 PEG D . 24.56 6.18 7.06
O2 PEG D . 23.18 6.56 6.98
C3 PEG D . 22.54 6.30 8.25
C4 PEG D . 22.62 4.81 8.56
O4 PEG D . 21.99 4.52 9.81
C1 PEG E . 21.01 -1.35 15.71
O1 PEG E . 21.65 -1.25 14.43
C2 PEG E . 20.57 0.05 16.12
O2 PEG E . 19.90 0.18 17.40
C3 PEG E . 19.58 1.57 17.62
C4 PEG E . 20.87 2.41 17.63
O4 PEG E . 20.58 3.79 17.84
C1 PEG F . 7.99 20.90 -15.76
O1 PEG F . 7.42 21.70 -16.79
C2 PEG F . 6.90 20.32 -14.87
O2 PEG F . 5.92 19.43 -15.45
C3 PEG F . 6.48 18.19 -15.88
C4 PEG F . 5.43 17.20 -16.42
O4 PEG F . 4.73 17.68 -17.56
C1 PEG G . -6.16 15.35 3.83
O1 PEG G . -7.29 14.76 3.20
C2 PEG G . -6.05 14.86 5.28
O2 PEG G . -4.91 15.49 5.91
C3 PEG G . -5.08 16.91 5.90
C4 PEG G . -3.88 17.59 6.54
O4 PEG G . -4.09 19.01 6.50
O1 UNL H . 7.21 14.56 0.49
O2 UNL H . 9.57 13.94 -1.10
O3 UNL H . 7.59 13.13 -1.86
CL CL I . -8.79 -6.53 -4.65
C1 PEG J . -19.36 12.79 -9.20
O1 PEG J . -19.90 13.61 -8.18
C2 PEG J . -20.33 11.64 -9.49
O2 PEG J . -21.59 12.16 -9.90
C3 PEG J . -22.49 11.10 -10.16
C4 PEG J . -23.88 11.59 -10.57
O4 PEG J . -23.81 12.37 -11.77
C1 PEG K . -2.43 -1.80 -16.94
O1 PEG K . -2.86 -2.45 -18.13
C2 PEG K . -0.96 -1.45 -17.05
O2 PEG K . -0.49 -0.77 -15.89
C3 PEG K . -1.06 0.53 -15.64
C4 PEG K . -0.75 1.54 -16.74
O4 PEG K . -1.34 2.81 -16.43
O1 UNL L . -12.62 -2.20 -8.75
O2 UNL L . -14.99 -2.39 -7.33
O3 UNL L . -13.69 -0.78 -6.97
C1 PEG M . -18.77 -17.63 2.51
O1 PEG M . -19.59 -16.49 2.82
C2 PEG M . -17.30 -17.20 2.47
O2 PEG M . -16.44 -18.32 2.19
C3 PEG M . -16.39 -19.39 3.16
C4 PEG M . -15.80 -18.94 4.52
O4 PEG M . -15.77 -20.06 5.43
C1 PEG N . -13.93 8.22 -12.99
O1 PEG N . -14.45 8.24 -14.33
C2 PEG N . -12.66 9.06 -12.80
O2 PEG N . -11.46 8.74 -13.54
#